data_1YBO
#
_entry.id   1YBO
#
_cell.length_a   72.322
_cell.length_b   72.322
_cell.length_c   125.921
_cell.angle_alpha   90.00
_cell.angle_beta   90.00
_cell.angle_gamma   90.00
#
_symmetry.space_group_name_H-M   'P 41 21 2'
#
loop_
_entity.id
_entity.type
_entity.pdbx_description
1 polymer 'Syntenin 1'
2 polymer Syndecan-4
3 water water
#
loop_
_entity_poly.entity_id
_entity_poly.type
_entity_poly.pdbx_seq_one_letter_code
_entity_poly.pdbx_strand_id
1 'polypeptide(L)'
;GAMDPREVILCKDQDGKIGLRLKSIDNGIFVQLVQANSPASLVGLRFGDQVLQINGENCAGWSSDKAHKVLKQAFGEKIT
MTIRDRPFERTITMHKDSTGHVGFIFKNGKITSIVKDSSAARNGLLTEHNICEINGQNVIGLKDSQIADILSTSGTVVTI
TIMPAF
;
A,B
2 'polypeptide(L)' LGKKPIYKKAPTNEFYA C,D
#
# COMPACT_ATOMS: atom_id res chain seq x y z
N ASP A 4 -11.02 10.94 4.94
CA ASP A 4 -10.82 11.06 6.41
C ASP A 4 -11.21 9.79 7.16
N PRO A 5 -10.77 9.68 8.41
CA PRO A 5 -11.30 8.63 9.27
C PRO A 5 -12.82 8.68 9.45
N ARG A 6 -13.38 7.63 10.01
CA ARG A 6 -14.79 7.63 10.39
C ARG A 6 -14.95 7.08 11.81
N GLU A 7 -16.02 7.59 12.42
CA GLU A 7 -16.36 7.23 13.81
C GLU A 7 -17.49 6.20 13.81
N VAL A 8 -17.28 5.13 14.57
CA VAL A 8 -18.25 4.06 14.73
C VAL A 8 -18.43 3.83 16.23
N ILE A 9 -19.59 3.32 16.61
CA ILE A 9 -19.90 3.06 18.01
C ILE A 9 -20.50 1.67 17.99
N LEU A 10 -19.71 0.74 18.52
CA LEU A 10 -20.09 -0.66 18.59
C LEU A 10 -20.80 -0.86 19.93
N CYS A 11 -21.61 -1.91 19.93
CA CYS A 11 -22.45 -2.27 21.05
C CYS A 11 -22.27 -3.75 21.37
N LYS A 12 -21.73 -4.07 22.54
CA LYS A 12 -21.47 -5.45 22.94
C LYS A 12 -22.62 -6.44 22.79
N ASP A 13 -22.33 -7.68 22.39
CA ASP A 13 -23.27 -8.79 22.53
C ASP A 13 -23.38 -9.13 24.03
N GLN A 14 -24.32 -9.99 24.40
CA GLN A 14 -24.23 -10.64 25.71
C GLN A 14 -23.06 -11.65 25.58
N ASP A 15 -22.20 -11.67 26.60
CA ASP A 15 -20.89 -12.32 26.72
C ASP A 15 -19.80 -11.25 26.84
N GLY A 16 -19.94 -10.20 26.02
CA GLY A 16 -18.98 -9.11 25.89
C GLY A 16 -18.70 -8.99 24.41
N LYS A 17 -17.71 -9.73 23.91
CA LYS A 17 -17.25 -9.88 22.51
C LYS A 17 -18.03 -9.26 21.32
N ILE A 18 -17.24 -8.60 20.48
CA ILE A 18 -17.73 -7.80 19.37
C ILE A 18 -17.38 -8.29 17.97
N GLY A 19 -16.92 -9.54 17.90
CA GLY A 19 -16.53 -10.28 16.69
C GLY A 19 -15.36 -9.68 15.96
N LEU A 20 -14.31 -9.30 16.68
CA LEU A 20 -13.18 -8.59 16.11
C LEU A 20 -11.84 -9.12 16.61
N ARG A 21 -10.95 -9.38 15.66
CA ARG A 21 -9.55 -9.72 15.94
C ARG A 21 -8.82 -8.58 15.28
N LEU A 22 -7.85 -8.07 16.04
CA LEU A 22 -6.97 -6.98 15.64
C LEU A 22 -5.53 -7.48 15.53
N LYS A 23 -4.74 -6.67 14.83
CA LYS A 23 -3.38 -7.06 14.53
C LYS A 23 -2.52 -5.82 14.39
N SER A 24 -1.36 -5.89 15.02
CA SER A 24 -0.31 -4.87 14.92
C SER A 24 0.53 -4.99 13.66
N ILE A 25 0.62 -3.91 12.89
CA ILE A 25 1.49 -3.80 11.73
C ILE A 25 2.13 -2.42 11.65
N ASP A 26 3.46 -2.35 11.58
CA ASP A 26 4.19 -1.10 11.49
C ASP A 26 3.66 -0.05 12.47
N ASN A 27 3.58 -0.41 13.75
CA ASN A 27 3.13 0.42 14.89
C ASN A 27 1.73 1.04 14.76
N GLY A 28 0.90 0.49 13.88
CA GLY A 28 -0.54 0.70 13.82
C GLY A 28 -1.21 -0.60 14.17
N ILE A 29 -2.53 -0.49 14.27
CA ILE A 29 -3.46 -1.58 14.59
C ILE A 29 -4.46 -1.69 13.44
N PHE A 30 -4.64 -2.93 12.97
CA PHE A 30 -5.45 -3.29 11.81
C PHE A 30 -6.42 -4.41 12.14
N VAL A 31 -7.61 -4.33 11.56
CA VAL A 31 -8.65 -5.36 11.62
C VAL A 31 -8.08 -6.57 10.89
N GLN A 32 -8.10 -7.74 11.53
CA GLN A 32 -7.59 -8.99 10.95
C GLN A 32 -8.70 -9.98 10.60
N LEU A 33 -9.86 -9.93 11.26
CA LEU A 33 -10.96 -10.87 11.10
C LEU A 33 -12.18 -10.26 11.80
N VAL A 34 -13.30 -10.28 11.10
CA VAL A 34 -14.60 -9.78 11.52
C VAL A 34 -15.54 -10.98 11.43
N GLN A 35 -16.28 -11.27 12.50
CA GLN A 35 -17.33 -12.30 12.47
C GLN A 35 -18.57 -11.75 11.75
N ALA A 36 -19.40 -12.57 11.09
CA ALA A 36 -20.50 -12.07 10.22
C ALA A 36 -21.79 -11.44 10.76
N ASN A 37 -22.19 -11.74 11.98
CA ASN A 37 -23.42 -11.15 12.55
C ASN A 37 -23.06 -10.64 13.95
N SER A 38 -22.08 -9.75 13.92
CA SER A 38 -21.38 -9.30 15.11
C SER A 38 -21.48 -7.80 15.26
N PRO A 39 -21.23 -7.27 16.46
CA PRO A 39 -21.12 -5.83 16.66
C PRO A 39 -20.22 -5.15 15.61
N ALA A 40 -19.08 -5.76 15.30
CA ALA A 40 -18.11 -5.30 14.29
C ALA A 40 -18.72 -5.17 12.90
N SER A 41 -19.41 -6.21 12.44
CA SER A 41 -20.02 -6.23 11.11
C SER A 41 -21.13 -5.18 10.93
N LEU A 42 -21.95 -4.97 11.95
CA LEU A 42 -22.96 -3.91 11.99
C LEU A 42 -22.41 -2.51 11.66
N VAL A 43 -21.21 -2.21 12.14
CA VAL A 43 -20.66 -0.88 11.86
C VAL A 43 -19.73 -0.91 10.64
N GLY A 44 -19.85 -1.93 9.80
CA GLY A 44 -19.04 -2.14 8.60
C GLY A 44 -17.54 -2.27 8.75
N LEU A 45 -16.98 -2.85 9.81
CA LEU A 45 -15.51 -3.03 9.88
C LEU A 45 -15.13 -4.10 8.88
N ARG A 46 -14.01 -3.90 8.18
CA ARG A 46 -13.50 -4.86 7.22
C ARG A 46 -12.03 -5.18 7.44
N PHE A 47 -11.60 -6.27 6.82
CA PHE A 47 -10.22 -6.70 6.80
C PHE A 47 -9.38 -5.50 6.31
N GLY A 48 -8.30 -5.16 7.00
CA GLY A 48 -7.39 -4.12 6.54
C GLY A 48 -7.64 -2.71 7.03
N ASP A 49 -8.79 -2.52 7.64
CA ASP A 49 -9.16 -1.23 8.19
C ASP A 49 -8.16 -0.98 9.31
N GLN A 50 -7.73 0.27 9.39
CA GLN A 50 -6.84 0.74 10.45
C GLN A 50 -7.66 1.41 11.51
N VAL A 51 -7.40 0.99 12.76
CA VAL A 51 -8.09 1.42 13.96
C VAL A 51 -7.14 2.47 14.54
N LEU A 52 -7.65 3.70 14.49
CA LEU A 52 -6.84 4.81 14.96
C LEU A 52 -6.90 5.04 16.46
N GLN A 53 -8.10 4.87 17.00
CA GLN A 53 -8.39 5.17 18.39
C GLN A 53 -9.46 4.18 18.86
N ILE A 54 -9.41 3.74 20.13
CA ILE A 54 -10.41 2.95 20.82
C ILE A 54 -10.66 3.70 22.16
N ASN A 55 -11.91 4.11 22.36
CA ASN A 55 -12.40 4.81 23.56
C ASN A 55 -11.54 6.01 23.98
N GLY A 56 -11.11 6.85 23.04
CA GLY A 56 -10.30 8.04 23.37
C GLY A 56 -8.82 7.88 23.64
N GLU A 57 -8.32 6.70 23.26
CA GLU A 57 -6.91 6.31 23.37
C GLU A 57 -6.44 5.91 21.98
N ASN A 58 -5.35 6.52 21.55
CA ASN A 58 -4.68 6.14 20.33
C ASN A 58 -4.08 4.72 20.37
N CYS A 59 -4.27 3.98 19.28
CA CYS A 59 -3.70 2.63 19.12
C CYS A 59 -2.25 2.61 18.67
N ALA A 60 -1.62 3.77 18.38
CA ALA A 60 -0.24 3.79 17.95
C ALA A 60 0.70 3.03 18.88
N GLY A 61 1.55 2.16 18.33
CA GLY A 61 2.49 1.38 19.12
C GLY A 61 1.95 0.22 19.91
N TRP A 62 0.67 -0.08 19.86
CA TRP A 62 0.10 -1.24 20.58
C TRP A 62 0.41 -2.52 19.80
N SER A 63 0.71 -3.54 20.59
CA SER A 63 0.86 -4.91 20.16
C SER A 63 -0.52 -5.54 19.91
N SER A 64 -0.58 -6.66 19.19
CA SER A 64 -1.81 -7.46 19.02
C SER A 64 -2.35 -7.84 20.39
N ASP A 65 -1.51 -8.36 21.28
CA ASP A 65 -1.87 -8.79 22.64
C ASP A 65 -2.56 -7.66 23.43
N LYS A 66 -2.01 -6.45 23.36
CA LYS A 66 -2.64 -5.28 23.98
C LYS A 66 -3.99 -4.86 23.39
N ALA A 67 -4.14 -4.91 22.06
CA ALA A 67 -5.43 -4.63 21.41
C ALA A 67 -6.50 -5.62 21.86
N HIS A 68 -6.14 -6.91 21.83
CA HIS A 68 -6.97 -8.02 22.31
C HIS A 68 -7.45 -7.71 23.74
N LYS A 69 -6.52 -7.38 24.64
CA LYS A 69 -6.85 -7.09 26.06
C LYS A 69 -7.72 -5.88 26.30
N VAL A 70 -7.43 -4.77 25.64
CA VAL A 70 -8.23 -3.56 25.78
C VAL A 70 -9.68 -3.87 25.35
N LEU A 71 -9.83 -4.61 24.26
CA LEU A 71 -11.16 -4.97 23.77
C LEU A 71 -11.86 -5.94 24.73
N LYS A 72 -11.18 -7.03 25.05
CA LYS A 72 -11.66 -8.04 25.99
C LYS A 72 -12.05 -7.40 27.33
N GLN A 73 -11.42 -6.32 27.77
CA GLN A 73 -11.70 -5.69 29.07
C GLN A 73 -12.55 -4.43 29.07
N ALA A 74 -13.01 -3.98 27.90
CA ALA A 74 -13.80 -2.76 27.73
C ALA A 74 -14.99 -2.59 28.71
N PHE A 75 -15.03 -1.41 29.34
CA PHE A 75 -16.01 -1.10 30.36
C PHE A 75 -17.25 -0.51 29.70
N GLY A 76 -18.38 -1.08 30.10
CA GLY A 76 -19.71 -0.68 29.64
C GLY A 76 -20.18 -1.44 28.42
N GLU A 77 -21.15 -0.85 27.73
CA GLU A 77 -21.75 -1.48 26.57
C GLU A 77 -21.19 -1.00 25.24
N LYS A 78 -20.83 0.28 25.21
CA LYS A 78 -20.31 0.96 24.04
C LYS A 78 -18.78 0.97 23.89
N ILE A 79 -18.34 0.62 22.69
CA ILE A 79 -16.94 0.71 22.28
C ILE A 79 -17.00 1.69 21.11
N THR A 80 -16.33 2.79 21.36
CA THR A 80 -16.13 3.91 20.44
C THR A 80 -14.80 3.63 19.69
N MET A 81 -14.83 3.71 18.36
CA MET A 81 -13.63 3.66 17.53
C MET A 81 -13.67 4.71 16.42
N THR A 82 -12.45 5.12 16.07
CA THR A 82 -12.10 5.96 14.93
C THR A 82 -11.28 5.14 13.95
N ILE A 83 -11.79 4.96 12.74
CA ILE A 83 -11.36 4.02 11.74
C ILE A 83 -10.88 4.72 10.49
N ARG A 84 -9.70 4.36 10.00
CA ARG A 84 -9.23 4.79 8.69
C ARG A 84 -9.42 3.60 7.74
N ASP A 85 -10.26 3.75 6.72
CA ASP A 85 -10.66 2.64 5.85
C ASP A 85 -9.50 2.11 4.99
N ARG A 86 -9.32 0.79 5.00
CA ARG A 86 -8.22 0.02 4.35
C ARG A 86 -7.16 0.86 3.64
N PRO A 87 -6.27 1.46 4.45
CA PRO A 87 -5.36 2.37 3.79
C PRO A 87 -4.39 1.69 2.85
N PHE A 88 -4.17 0.38 2.97
CA PHE A 88 -3.27 -0.39 2.08
C PHE A 88 -3.92 -0.95 0.83
N GLU A 89 -5.23 -0.82 0.77
CA GLU A 89 -6.05 -1.32 -0.32
C GLU A 89 -5.65 -0.78 -1.69
N ARG A 90 -5.60 -1.72 -2.64
CA ARG A 90 -5.40 -1.33 -4.03
C ARG A 90 -6.49 -1.98 -4.89
N THR A 91 -6.88 -1.38 -6.02
CA THR A 91 -7.89 -1.93 -6.93
C THR A 91 -7.31 -2.14 -8.33
N ILE A 92 -7.42 -3.36 -8.87
CA ILE A 92 -6.97 -3.73 -10.22
C ILE A 92 -8.10 -4.40 -11.03
N THR A 93 -8.26 -3.82 -12.22
CA THR A 93 -9.25 -4.19 -13.23
C THR A 93 -8.51 -4.95 -14.36
N MET A 94 -8.96 -6.19 -14.52
CA MET A 94 -8.51 -7.15 -15.51
C MET A 94 -9.69 -7.59 -16.36
N HIS A 95 -9.40 -8.22 -17.48
CA HIS A 95 -10.37 -8.72 -18.45
C HIS A 95 -10.07 -10.19 -18.71
N LYS A 96 -11.06 -11.07 -18.73
CA LYS A 96 -10.84 -12.51 -18.95
C LYS A 96 -10.48 -12.76 -20.39
N ASP A 97 -9.50 -13.63 -20.59
CA ASP A 97 -9.14 -14.09 -21.94
C ASP A 97 -10.11 -15.20 -22.39
N SER A 98 -9.85 -15.83 -23.53
CA SER A 98 -10.77 -16.82 -24.12
C SER A 98 -10.98 -18.13 -23.37
N THR A 99 -10.05 -18.48 -22.48
CA THR A 99 -10.05 -19.65 -21.61
C THR A 99 -10.76 -19.24 -20.32
N GLY A 100 -11.14 -17.98 -20.12
CA GLY A 100 -11.80 -17.55 -18.89
C GLY A 100 -10.85 -17.19 -17.76
N HIS A 101 -9.64 -16.75 -18.08
CA HIS A 101 -8.60 -16.44 -17.08
C HIS A 101 -8.08 -14.99 -17.15
N VAL A 102 -7.84 -14.37 -16.00
CA VAL A 102 -7.27 -13.02 -15.86
C VAL A 102 -5.74 -13.06 -15.72
N GLY A 103 -5.18 -14.17 -15.22
CA GLY A 103 -3.76 -14.42 -15.29
C GLY A 103 -2.93 -14.55 -14.03
N PHE A 104 -3.45 -15.20 -13.00
CA PHE A 104 -2.67 -15.36 -11.75
C PHE A 104 -2.93 -16.68 -11.06
N ILE A 105 -1.94 -17.05 -10.25
CA ILE A 105 -2.04 -18.24 -9.41
C ILE A 105 -2.14 -17.73 -7.98
N PHE A 106 -3.07 -18.32 -7.24
CA PHE A 106 -3.32 -18.00 -5.86
C PHE A 106 -3.41 -19.27 -5.02
N LYS A 107 -3.25 -19.08 -3.71
CA LYS A 107 -3.32 -20.15 -2.72
C LYS A 107 -3.43 -19.41 -1.39
N ASN A 108 -4.40 -19.93 -0.65
CA ASN A 108 -4.87 -19.50 0.65
C ASN A 108 -5.23 -18.00 0.54
N GLY A 109 -5.91 -17.57 -0.52
CA GLY A 109 -6.36 -16.18 -0.65
C GLY A 109 -5.29 -15.19 -1.09
N LYS A 110 -4.17 -15.72 -1.57
CA LYS A 110 -3.01 -14.91 -1.82
C LYS A 110 -2.35 -15.20 -3.16
N ILE A 111 -2.01 -14.13 -3.88
CA ILE A 111 -1.46 -14.20 -5.23
C ILE A 111 0.00 -14.58 -5.05
N THR A 112 0.36 -15.70 -5.68
CA THR A 112 1.67 -16.34 -5.66
C THR A 112 2.45 -16.16 -6.97
N SER A 113 1.79 -16.10 -8.13
CA SER A 113 2.50 -15.79 -9.37
C SER A 113 1.55 -15.18 -10.41
N ILE A 114 2.15 -14.42 -11.34
CA ILE A 114 1.48 -13.74 -12.42
C ILE A 114 1.76 -14.48 -13.72
N VAL A 115 0.71 -14.84 -14.46
CA VAL A 115 0.90 -15.64 -15.68
C VAL A 115 1.33 -14.73 -16.84
N LYS A 116 2.28 -15.23 -17.64
CA LYS A 116 2.87 -14.58 -18.80
C LYS A 116 1.73 -14.28 -19.77
N ASP A 117 1.74 -13.08 -20.36
CA ASP A 117 0.91 -12.60 -21.46
C ASP A 117 -0.57 -12.42 -21.11
N SER A 118 -0.89 -12.36 -19.83
CA SER A 118 -2.24 -12.23 -19.29
C SER A 118 -2.67 -10.80 -18.96
N SER A 119 -3.95 -10.63 -18.64
CA SER A 119 -4.46 -9.30 -18.27
C SER A 119 -3.82 -8.83 -16.96
N ALA A 120 -3.62 -9.75 -16.02
CA ALA A 120 -2.94 -9.51 -14.76
C ALA A 120 -1.52 -8.95 -14.92
N ALA A 121 -0.78 -9.54 -15.85
CA ALA A 121 0.57 -9.14 -16.18
C ALA A 121 0.58 -7.74 -16.78
N ARG A 122 -0.31 -7.53 -17.75
CA ARG A 122 -0.54 -6.23 -18.41
C ARG A 122 -0.83 -5.10 -17.43
N ASN A 123 -1.64 -5.43 -16.43
CA ASN A 123 -2.12 -4.48 -15.41
C ASN A 123 -1.20 -4.39 -14.18
N GLY A 124 -0.11 -5.15 -14.17
CA GLY A 124 0.85 -5.03 -13.07
C GLY A 124 0.37 -5.52 -11.73
N LEU A 125 -0.48 -6.54 -11.74
CA LEU A 125 -0.87 -7.19 -10.52
C LEU A 125 0.39 -7.74 -9.85
N LEU A 126 0.46 -7.64 -8.52
CA LEU A 126 1.58 -8.10 -7.69
C LEU A 126 1.24 -9.31 -6.84
N THR A 127 2.29 -10.07 -6.54
CA THR A 127 2.30 -11.22 -5.66
C THR A 127 2.48 -10.78 -4.19
N GLU A 128 2.42 -11.78 -3.32
CA GLU A 128 2.47 -11.60 -1.88
C GLU A 128 1.46 -10.49 -1.51
N HIS A 129 0.27 -10.59 -2.12
CA HIS A 129 -0.85 -9.72 -1.78
C HIS A 129 -2.06 -10.61 -1.53
N ASN A 130 -2.84 -10.29 -0.49
CA ASN A 130 -4.12 -10.92 -0.18
C ASN A 130 -5.26 -10.39 -1.04
N ILE A 131 -6.17 -11.24 -1.48
CA ILE A 131 -7.34 -10.89 -2.30
C ILE A 131 -8.43 -10.56 -1.28
N CYS A 132 -9.02 -9.38 -1.37
CA CYS A 132 -10.01 -8.93 -0.39
C CYS A 132 -11.48 -8.93 -0.80
N GLU A 133 -11.66 -8.50 -2.05
CA GLU A 133 -12.94 -8.37 -2.75
C GLU A 133 -12.74 -8.71 -4.22
N ILE A 134 -13.75 -9.35 -4.83
CA ILE A 134 -13.87 -9.60 -6.25
C ILE A 134 -15.23 -9.02 -6.66
N ASN A 135 -15.19 -8.01 -7.52
CA ASN A 135 -16.37 -7.24 -7.95
C ASN A 135 -17.18 -6.86 -6.70
N GLY A 136 -16.53 -6.22 -5.72
CA GLY A 136 -17.12 -5.77 -4.46
C GLY A 136 -17.67 -6.82 -3.50
N GLN A 137 -17.17 -8.04 -3.64
CA GLN A 137 -17.67 -9.15 -2.87
C GLN A 137 -16.51 -9.68 -2.07
N ASN A 138 -16.75 -9.66 -0.76
CA ASN A 138 -15.78 -10.07 0.23
C ASN A 138 -15.39 -11.50 -0.05
N VAL A 139 -14.09 -11.78 -0.11
CA VAL A 139 -13.59 -13.16 -0.24
C VAL A 139 -12.64 -13.57 0.90
N ILE A 140 -12.38 -12.69 1.85
CA ILE A 140 -11.61 -12.97 3.05
C ILE A 140 -12.39 -14.00 3.86
N GLY A 141 -11.72 -15.09 4.25
CA GLY A 141 -12.37 -16.18 5.00
C GLY A 141 -12.97 -17.32 4.17
N LEU A 142 -12.94 -17.18 2.86
CA LEU A 142 -13.48 -18.19 1.95
C LEU A 142 -12.39 -19.19 1.62
N LYS A 143 -12.84 -20.34 1.16
CA LYS A 143 -11.92 -21.38 0.73
C LYS A 143 -11.51 -20.88 -0.66
N ASP A 144 -10.34 -21.29 -1.15
CA ASP A 144 -9.91 -20.96 -2.51
C ASP A 144 -10.91 -21.36 -3.61
N SER A 145 -11.52 -22.53 -3.45
CA SER A 145 -12.46 -23.07 -4.43
C SER A 145 -13.72 -22.20 -4.55
N GLN A 146 -14.09 -21.55 -3.45
CA GLN A 146 -15.16 -20.56 -3.42
C GLN A 146 -14.75 -19.28 -4.11
N ILE A 147 -13.50 -18.86 -3.89
CA ILE A 147 -12.96 -17.72 -4.63
C ILE A 147 -12.97 -18.01 -6.13
N ALA A 148 -12.56 -19.21 -6.53
CA ALA A 148 -12.52 -19.57 -7.94
C ALA A 148 -13.87 -19.60 -8.66
N ASP A 149 -14.91 -20.06 -7.96
CA ASP A 149 -16.28 -20.01 -8.51
C ASP A 149 -16.79 -18.57 -8.54
N ILE A 150 -16.52 -17.77 -7.51
CA ILE A 150 -16.87 -16.34 -7.63
C ILE A 150 -16.23 -15.71 -8.87
N LEU A 151 -14.96 -16.03 -9.10
CA LEU A 151 -14.32 -15.58 -10.34
C LEU A 151 -15.06 -16.08 -11.59
N SER A 152 -15.56 -17.31 -11.51
CA SER A 152 -16.24 -17.93 -12.62
C SER A 152 -17.53 -17.27 -13.03
N THR A 153 -18.19 -16.68 -12.04
CA THR A 153 -19.49 -16.04 -12.20
C THR A 153 -19.42 -14.51 -12.20
N SER A 154 -18.22 -13.97 -12.26
CA SER A 154 -17.98 -12.54 -12.41
C SER A 154 -18.09 -12.16 -13.90
N GLY A 155 -17.83 -10.94 -14.33
CA GLY A 155 -18.06 -10.89 -15.80
C GLY A 155 -16.79 -11.29 -16.52
N THR A 156 -16.64 -10.77 -17.73
CA THR A 156 -15.33 -10.69 -18.36
C THR A 156 -14.42 -9.63 -17.73
N VAL A 157 -14.97 -8.59 -17.12
CA VAL A 157 -14.30 -7.52 -16.45
C VAL A 157 -14.32 -7.86 -14.96
N VAL A 158 -13.16 -8.17 -14.41
CA VAL A 158 -13.02 -8.54 -13.00
C VAL A 158 -12.18 -7.45 -12.32
N THR A 159 -12.82 -6.79 -11.36
CA THR A 159 -12.22 -5.87 -10.42
C THR A 159 -11.91 -6.51 -9.05
N ILE A 160 -10.61 -6.66 -8.79
CA ILE A 160 -10.15 -7.16 -7.50
C ILE A 160 -9.43 -6.07 -6.67
N THR A 161 -9.68 -6.22 -5.38
CA THR A 161 -9.14 -5.42 -4.28
C THR A 161 -8.11 -6.29 -3.59
N ILE A 162 -6.95 -5.68 -3.39
CA ILE A 162 -5.80 -6.34 -2.83
C ILE A 162 -5.13 -5.45 -1.77
N MET A 163 -4.39 -6.15 -0.95
CA MET A 163 -3.55 -5.55 0.08
C MET A 163 -2.25 -6.36 0.21
N PRO A 164 -1.11 -5.69 0.50
CA PRO A 164 0.07 -6.46 0.85
C PRO A 164 -0.14 -7.42 2.03
N ALA A 165 0.55 -8.56 1.97
CA ALA A 165 0.49 -9.52 3.07
C ALA A 165 1.41 -9.06 4.19
N PHE A 166 1.01 -9.31 5.44
CA PHE A 166 1.86 -9.01 6.60
C PHE A 166 1.75 -10.17 7.60
N ALA B 2 -7.51 1.09 -11.33
CA ALA B 2 -8.32 2.19 -10.71
C ALA B 2 -7.75 3.62 -10.78
N MET B 3 -6.43 3.73 -10.79
CA MET B 3 -5.64 4.97 -10.89
C MET B 3 -4.75 4.73 -12.11
N ASP B 4 -4.96 5.56 -13.13
CA ASP B 4 -4.63 5.27 -14.54
C ASP B 4 -3.19 5.35 -15.06
N PRO B 5 -2.75 4.34 -15.85
CA PRO B 5 -1.41 4.40 -16.43
C PRO B 5 -1.17 5.52 -17.46
N ARG B 6 0.07 5.99 -17.50
CA ARG B 6 0.50 7.01 -18.44
C ARG B 6 1.75 6.50 -19.14
N GLU B 7 1.90 6.98 -20.37
CA GLU B 7 3.03 6.67 -21.21
C GLU B 7 4.11 7.74 -21.10
N VAL B 8 5.35 7.32 -20.96
CA VAL B 8 6.51 8.22 -21.08
C VAL B 8 7.35 7.77 -22.30
N ILE B 9 8.02 8.75 -22.92
CA ILE B 9 8.87 8.56 -24.11
C ILE B 9 10.21 9.24 -23.79
N LEU B 10 11.27 8.45 -23.81
CA LEU B 10 12.59 8.90 -23.35
C LEU B 10 13.71 8.61 -24.32
N CYS B 11 14.66 9.55 -24.40
CA CYS B 11 15.81 9.41 -25.27
C CYS B 11 17.05 8.94 -24.54
N LYS B 12 17.74 7.97 -25.12
CA LYS B 12 18.99 7.44 -24.62
C LYS B 12 20.16 8.43 -24.69
N ASP B 13 21.12 8.26 -23.79
CA ASP B 13 22.37 8.99 -23.88
C ASP B 13 23.25 8.18 -24.83
N GLN B 14 24.53 8.50 -24.99
CA GLN B 14 25.41 7.77 -25.92
C GLN B 14 25.69 6.35 -25.45
N ASP B 15 25.65 6.11 -24.14
CA ASP B 15 25.78 4.77 -23.55
C ASP B 15 24.42 4.04 -23.57
N GLY B 16 23.39 4.54 -24.23
CA GLY B 16 22.05 3.94 -24.10
C GLY B 16 21.22 4.25 -22.84
N LYS B 17 21.78 4.94 -21.86
CA LYS B 17 21.10 5.16 -20.56
C LYS B 17 20.02 6.24 -20.58
N ILE B 18 19.01 6.16 -19.72
CA ILE B 18 17.92 7.13 -19.52
C ILE B 18 17.96 7.76 -18.13
N GLY B 19 18.86 7.30 -17.27
CA GLY B 19 19.07 7.83 -15.92
C GLY B 19 18.22 7.15 -14.85
N LEU B 20 18.14 5.82 -14.94
CA LEU B 20 17.23 4.99 -14.16
C LEU B 20 17.72 3.68 -13.51
N ARG B 21 17.38 3.45 -12.25
CA ARG B 21 17.67 2.23 -11.51
C ARG B 21 16.28 1.68 -11.20
N LEU B 22 16.14 0.37 -11.36
CA LEU B 22 14.91 -0.39 -11.20
C LEU B 22 15.05 -1.47 -10.15
N LYS B 23 13.93 -1.80 -9.51
CA LYS B 23 13.88 -2.83 -8.48
C LYS B 23 12.63 -3.70 -8.67
N SER B 24 12.87 -4.99 -8.47
CA SER B 24 11.88 -6.04 -8.46
C SER B 24 11.27 -6.10 -7.06
N ILE B 25 9.98 -5.85 -6.97
CA ILE B 25 9.20 -6.04 -5.76
C ILE B 25 7.94 -6.82 -6.14
N ASP B 26 7.75 -8.01 -5.57
CA ASP B 26 6.49 -8.76 -5.61
C ASP B 26 6.07 -9.00 -7.07
N ASN B 27 7.06 -9.31 -7.89
CA ASN B 27 6.94 -9.61 -9.31
C ASN B 27 6.46 -8.49 -10.25
N GLY B 28 6.68 -7.26 -9.78
CA GLY B 28 6.64 -6.04 -10.53
C GLY B 28 8.01 -5.39 -10.53
N ILE B 29 8.06 -4.28 -11.27
CA ILE B 29 9.24 -3.42 -11.45
C ILE B 29 8.87 -2.00 -11.04
N PHE B 30 9.71 -1.44 -10.17
CA PHE B 30 9.58 -0.11 -9.62
C PHE B 30 10.85 0.66 -9.82
N VAL B 31 10.65 1.96 -9.91
CA VAL B 31 11.73 2.95 -10.00
C VAL B 31 12.36 3.02 -8.61
N GLN B 32 13.67 2.83 -8.60
CA GLN B 32 14.45 2.81 -7.37
C GLN B 32 15.23 4.12 -7.19
N LEU B 33 15.86 4.61 -8.24
CA LEU B 33 16.63 5.83 -8.23
C LEU B 33 16.49 6.42 -9.62
N VAL B 34 16.36 7.74 -9.65
CA VAL B 34 16.35 8.58 -10.84
C VAL B 34 17.57 9.52 -10.71
N GLN B 35 18.34 9.61 -11.79
CA GLN B 35 19.54 10.44 -11.87
C GLN B 35 19.14 11.87 -12.18
N ALA B 36 19.66 12.83 -11.41
CA ALA B 36 19.47 14.26 -11.64
C ALA B 36 19.66 14.73 -13.09
N ASN B 37 18.68 15.50 -13.59
CA ASN B 37 18.64 16.08 -14.93
C ASN B 37 18.83 15.08 -16.09
N SER B 38 18.33 13.88 -15.87
CA SER B 38 18.29 12.80 -16.84
C SER B 38 16.95 12.92 -17.60
N PRO B 39 16.80 12.20 -18.72
CA PRO B 39 15.48 12.06 -19.34
C PRO B 39 14.35 11.51 -18.44
N ALA B 40 14.70 10.56 -17.57
CA ALA B 40 13.84 9.95 -16.57
C ALA B 40 13.26 11.02 -15.68
N SER B 41 14.15 11.91 -15.24
CA SER B 41 13.85 13.02 -14.37
C SER B 41 12.92 13.99 -15.10
N LEU B 42 13.27 14.30 -16.34
CA LEU B 42 12.47 15.24 -17.12
C LEU B 42 11.03 14.76 -17.32
N VAL B 43 10.83 13.46 -17.57
CA VAL B 43 9.49 12.87 -17.73
C VAL B 43 8.79 12.57 -16.41
N GLY B 44 9.37 12.97 -15.28
CA GLY B 44 8.70 12.91 -13.97
C GLY B 44 8.64 11.55 -13.28
N LEU B 45 9.50 10.62 -13.70
CA LEU B 45 9.67 9.38 -12.96
C LEU B 45 10.26 9.61 -11.56
N ARG B 46 9.77 8.83 -10.60
CA ARG B 46 10.13 8.97 -9.20
C ARG B 46 10.19 7.58 -8.53
N PHE B 47 10.99 7.53 -7.47
CA PHE B 47 11.16 6.34 -6.64
C PHE B 47 9.79 5.87 -6.22
N GLY B 48 9.44 4.65 -6.60
CA GLY B 48 8.17 4.07 -6.20
C GLY B 48 7.20 3.99 -7.36
N ASP B 49 7.46 4.65 -8.48
CA ASP B 49 6.59 4.47 -9.63
C ASP B 49 6.77 3.06 -10.21
N GLN B 50 5.70 2.42 -10.65
CA GLN B 50 5.74 1.10 -11.28
C GLN B 50 5.75 1.21 -12.80
N VAL B 51 6.63 0.39 -13.39
CA VAL B 51 6.83 0.22 -14.83
C VAL B 51 6.06 -1.05 -15.20
N LEU B 52 4.95 -0.82 -15.90
CA LEU B 52 4.12 -1.92 -16.33
C LEU B 52 4.69 -2.57 -17.59
N GLN B 53 5.22 -1.77 -18.52
CA GLN B 53 5.78 -2.18 -19.80
C GLN B 53 6.94 -1.25 -20.12
N ILE B 54 7.91 -1.82 -20.84
CA ILE B 54 9.01 -1.13 -21.49
C ILE B 54 8.90 -1.51 -22.97
N ASN B 55 8.83 -0.52 -23.85
CA ASN B 55 8.60 -0.71 -25.29
C ASN B 55 7.50 -1.70 -25.59
N GLY B 56 6.38 -1.56 -24.88
CA GLY B 56 5.26 -2.53 -25.00
C GLY B 56 5.30 -3.93 -24.39
N GLU B 57 6.43 -4.40 -23.89
CA GLU B 57 6.63 -5.69 -23.24
C GLU B 57 6.31 -5.65 -21.76
N ASN B 58 5.53 -6.60 -21.27
CA ASN B 58 5.24 -6.70 -19.85
C ASN B 58 6.49 -6.85 -18.99
N CYS B 59 6.55 -6.09 -17.90
CA CYS B 59 7.61 -6.16 -16.90
C CYS B 59 7.34 -7.22 -15.84
N ALA B 60 6.22 -7.91 -15.96
CA ALA B 60 5.77 -8.90 -14.99
C ALA B 60 6.82 -10.00 -14.77
N GLY B 61 7.22 -10.16 -13.51
CA GLY B 61 8.13 -11.22 -13.12
C GLY B 61 9.59 -10.97 -13.43
N TRP B 62 9.95 -9.83 -14.00
CA TRP B 62 11.35 -9.64 -14.34
C TRP B 62 12.09 -9.22 -13.11
N SER B 63 13.36 -9.63 -13.08
CA SER B 63 14.33 -9.11 -12.10
C SER B 63 14.75 -7.69 -12.47
N SER B 64 15.45 -7.02 -11.56
CA SER B 64 16.07 -5.72 -11.80
C SER B 64 17.11 -5.89 -12.90
N ASP B 65 17.97 -6.91 -12.81
CA ASP B 65 19.02 -7.22 -13.80
C ASP B 65 18.43 -7.40 -15.22
N LYS B 66 17.32 -8.12 -15.29
CA LYS B 66 16.53 -8.29 -16.51
C LYS B 66 15.99 -6.96 -17.01
N ALA B 67 15.34 -6.21 -16.14
CA ALA B 67 14.78 -4.92 -16.53
C ALA B 67 15.82 -3.97 -17.10
N HIS B 68 16.99 -3.92 -16.43
CA HIS B 68 18.10 -3.09 -16.88
C HIS B 68 18.75 -3.49 -18.18
N LYS B 69 18.79 -4.78 -18.43
CA LYS B 69 19.34 -5.30 -19.67
C LYS B 69 18.31 -5.06 -20.78
N VAL B 70 17.01 -5.07 -20.53
CA VAL B 70 16.03 -4.72 -21.58
C VAL B 70 16.25 -3.29 -22.08
N LEU B 71 16.44 -2.36 -21.15
CA LEU B 71 16.81 -0.96 -21.43
C LEU B 71 18.10 -0.85 -22.26
N LYS B 72 19.15 -1.54 -21.80
CA LYS B 72 20.43 -1.55 -22.48
C LYS B 72 20.38 -2.12 -23.90
N GLN B 73 19.56 -3.13 -24.12
CA GLN B 73 19.45 -3.76 -25.44
C GLN B 73 18.41 -3.11 -26.33
N ALA B 74 17.58 -2.22 -25.82
CA ALA B 74 16.48 -1.62 -26.58
C ALA B 74 16.87 -0.92 -27.89
N PHE B 75 16.22 -1.28 -29.00
CA PHE B 75 16.61 -0.71 -30.28
C PHE B 75 16.14 0.71 -30.48
N GLY B 76 16.93 1.45 -31.26
CA GLY B 76 16.66 2.86 -31.53
C GLY B 76 17.08 3.73 -30.37
N GLU B 77 16.80 5.02 -30.51
CA GLU B 77 17.19 6.01 -29.49
C GLU B 77 16.08 6.39 -28.50
N LYS B 78 14.79 6.20 -28.81
CA LYS B 78 13.67 6.44 -27.90
C LYS B 78 13.17 5.15 -27.23
N ILE B 79 12.80 5.26 -25.95
CA ILE B 79 12.30 4.17 -25.11
C ILE B 79 10.94 4.64 -24.61
N THR B 80 9.95 3.80 -24.81
CA THR B 80 8.60 4.04 -24.30
C THR B 80 8.38 3.17 -23.06
N MET B 81 7.72 3.74 -22.05
CA MET B 81 7.39 3.01 -20.83
C MET B 81 5.96 3.41 -20.49
N THR B 82 5.25 2.44 -19.94
CA THR B 82 3.89 2.57 -19.47
C THR B 82 4.05 2.55 -17.94
N ILE B 83 3.61 3.62 -17.30
CA ILE B 83 3.91 3.91 -15.88
C ILE B 83 2.65 4.07 -15.05
N ARG B 84 2.72 3.42 -13.89
CA ARG B 84 1.71 3.60 -12.86
C ARG B 84 2.30 4.36 -11.68
N ASP B 85 1.73 5.53 -11.46
CA ASP B 85 2.19 6.48 -10.48
C ASP B 85 2.04 5.91 -9.09
N ARG B 86 3.17 5.95 -8.38
CA ARG B 86 3.37 5.49 -7.00
C ARG B 86 2.10 4.87 -6.40
N PRO B 87 1.85 3.61 -6.80
CA PRO B 87 0.60 2.94 -6.42
C PRO B 87 0.44 2.71 -4.91
N PHE B 88 1.57 2.57 -4.21
CA PHE B 88 1.64 2.42 -2.77
C PHE B 88 1.60 3.72 -1.95
N GLU B 89 1.56 4.88 -2.59
CA GLU B 89 1.61 6.18 -1.90
C GLU B 89 0.38 6.56 -1.08
N ARG B 90 0.61 7.10 0.11
CA ARG B 90 -0.43 7.65 0.98
C ARG B 90 0.03 9.01 1.51
N THR B 91 -0.92 9.90 1.81
CA THR B 91 -0.64 11.23 2.36
C THR B 91 -1.24 11.39 3.74
N ILE B 92 -0.46 11.89 4.68
CA ILE B 92 -0.88 12.21 6.05
C ILE B 92 -0.51 13.68 6.33
N THR B 93 -1.50 14.36 6.91
CA THR B 93 -1.49 15.75 7.36
C THR B 93 -1.49 15.76 8.89
N MET B 94 -0.43 16.29 9.47
CA MET B 94 -0.29 16.44 10.90
C MET B 94 -0.18 17.93 11.21
N HIS B 95 -0.26 18.24 12.49
CA HIS B 95 -0.12 19.56 13.08
C HIS B 95 0.96 19.59 14.14
N LYS B 96 1.92 20.49 13.96
CA LYS B 96 2.88 20.73 15.02
C LYS B 96 2.21 21.16 16.34
N ASP B 97 2.72 20.63 17.45
CA ASP B 97 2.36 21.02 18.80
C ASP B 97 3.20 22.23 19.24
N SER B 98 3.15 22.54 20.54
CA SER B 98 3.84 23.65 21.23
C SER B 98 5.37 23.67 21.13
N THR B 99 5.95 22.49 20.91
CA THR B 99 7.39 22.26 20.82
C THR B 99 7.83 22.24 19.36
N GLY B 100 6.91 22.50 18.43
CA GLY B 100 7.17 22.47 17.01
C GLY B 100 7.26 21.11 16.34
N HIS B 101 6.80 20.06 17.03
CA HIS B 101 6.81 18.69 16.49
C HIS B 101 5.46 18.06 16.17
N VAL B 102 5.47 17.25 15.12
CA VAL B 102 4.34 16.45 14.63
C VAL B 102 4.33 15.05 15.27
N GLY B 103 5.45 14.53 15.78
CA GLY B 103 5.47 13.25 16.50
C GLY B 103 6.07 11.94 15.99
N PHE B 104 7.20 12.02 15.29
CA PHE B 104 7.81 10.77 14.83
C PHE B 104 9.34 10.89 14.76
N ILE B 105 9.95 9.72 14.94
CA ILE B 105 11.37 9.54 14.74
C ILE B 105 11.64 8.97 13.36
N PHE B 106 12.65 9.53 12.71
CA PHE B 106 13.08 9.09 11.40
C PHE B 106 14.60 8.98 11.28
N LYS B 107 14.98 8.15 10.30
CA LYS B 107 16.38 7.95 9.97
C LYS B 107 16.49 7.30 8.60
N ASN B 108 17.39 7.85 7.80
CA ASN B 108 17.61 7.49 6.42
C ASN B 108 16.28 7.69 5.69
N GLY B 109 15.60 8.80 5.97
CA GLY B 109 14.32 9.14 5.34
C GLY B 109 13.13 8.21 5.54
N LYS B 110 13.21 7.45 6.63
CA LYS B 110 12.28 6.39 7.03
C LYS B 110 11.76 6.67 8.43
N ILE B 111 10.46 6.45 8.62
CA ILE B 111 9.80 6.54 9.92
C ILE B 111 10.06 5.26 10.73
N THR B 112 10.70 5.43 11.90
CA THR B 112 11.18 4.36 12.77
C THR B 112 10.42 4.23 14.11
N SER B 113 9.85 5.34 14.56
CA SER B 113 8.89 5.31 15.66
C SER B 113 7.98 6.52 15.75
N ILE B 114 6.83 6.26 16.38
CA ILE B 114 5.77 7.20 16.62
C ILE B 114 5.73 7.50 18.12
N VAL B 115 5.80 8.81 18.40
CA VAL B 115 5.73 9.38 19.75
C VAL B 115 4.26 9.40 20.20
N LYS B 116 4.01 8.88 21.39
CA LYS B 116 2.69 8.82 22.02
C LYS B 116 2.12 10.23 22.11
N ASP B 117 0.79 10.36 21.97
CA ASP B 117 0.07 11.60 22.15
C ASP B 117 0.38 12.67 21.12
N SER B 118 0.97 12.30 20.00
CA SER B 118 1.34 13.28 19.00
C SER B 118 0.27 13.28 17.89
N SER B 119 0.32 14.31 17.05
CA SER B 119 -0.46 14.44 15.81
C SER B 119 -0.25 13.22 14.92
N ALA B 120 0.97 12.70 14.88
CA ALA B 120 1.35 11.49 14.14
C ALA B 120 0.65 10.25 14.67
N ALA B 121 0.57 10.15 16.00
CA ALA B 121 -0.12 9.06 16.70
C ALA B 121 -1.60 9.18 16.37
N ARG B 122 -2.19 10.35 16.61
CA ARG B 122 -3.61 10.56 16.31
C ARG B 122 -3.97 10.23 14.86
N ASN B 123 -3.09 10.54 13.93
CA ASN B 123 -3.28 10.27 12.50
C ASN B 123 -2.90 8.84 12.08
N GLY B 124 -2.53 7.95 12.97
CA GLY B 124 -2.10 6.61 12.52
C GLY B 124 -0.94 6.47 11.55
N LEU B 125 0.01 7.36 11.74
CA LEU B 125 1.20 7.35 10.92
C LEU B 125 1.92 6.04 11.20
N LEU B 126 2.47 5.42 10.15
CA LEU B 126 3.10 4.11 10.32
C LEU B 126 4.61 4.16 10.17
N THR B 127 5.24 3.23 10.89
CA THR B 127 6.67 2.98 10.81
C THR B 127 7.01 2.12 9.59
N GLU B 128 8.32 1.93 9.37
CA GLU B 128 8.86 1.14 8.25
C GLU B 128 8.24 1.70 6.96
N HIS B 129 8.24 3.02 6.83
CA HIS B 129 7.62 3.73 5.71
C HIS B 129 8.61 4.82 5.29
N ASN B 130 8.90 4.88 4.00
CA ASN B 130 9.73 5.96 3.44
C ASN B 130 8.92 7.21 3.26
N ILE B 131 9.49 8.36 3.63
CA ILE B 131 8.96 9.69 3.40
C ILE B 131 9.34 10.17 2.00
N CYS B 132 8.33 10.49 1.19
CA CYS B 132 8.55 10.83 -0.22
C CYS B 132 8.67 12.36 -0.39
N GLU B 133 7.67 13.08 0.11
CA GLU B 133 7.62 14.53 0.13
C GLU B 133 7.05 15.03 1.47
N ILE B 134 7.39 16.29 1.74
CA ILE B 134 7.01 17.06 2.91
C ILE B 134 6.58 18.40 2.32
N ASN B 135 5.33 18.80 2.54
CA ASN B 135 4.77 20.04 2.00
C ASN B 135 5.14 20.39 0.56
N GLY B 136 4.97 19.37 -0.27
CA GLY B 136 5.28 19.48 -1.68
C GLY B 136 6.76 19.55 -1.98
N GLN B 137 7.64 19.16 -1.07
CA GLN B 137 9.06 19.09 -1.33
C GLN B 137 9.55 17.64 -1.32
N ASN B 138 10.02 17.14 -2.45
CA ASN B 138 10.55 15.79 -2.56
C ASN B 138 11.78 15.66 -1.66
N VAL B 139 11.81 14.63 -0.82
CA VAL B 139 12.91 14.43 0.14
C VAL B 139 13.79 13.19 -0.19
N ILE B 140 13.44 12.49 -1.27
CA ILE B 140 14.18 11.35 -1.82
C ILE B 140 15.58 11.79 -2.26
N GLY B 141 16.60 11.15 -1.70
CA GLY B 141 18.01 11.44 -1.97
C GLY B 141 18.61 12.56 -1.13
N LEU B 142 17.91 12.99 -0.10
CA LEU B 142 18.36 14.01 0.84
C LEU B 142 18.88 13.38 2.12
N LYS B 143 19.82 14.04 2.79
CA LYS B 143 20.29 13.59 4.10
C LYS B 143 19.19 14.01 5.07
N ASP B 144 19.13 13.35 6.22
CA ASP B 144 18.14 13.56 7.27
C ASP B 144 18.20 14.97 7.80
N SER B 145 19.39 15.55 7.77
CA SER B 145 19.61 16.97 8.10
C SER B 145 18.82 17.94 7.21
N GLN B 146 18.76 17.70 5.91
CA GLN B 146 17.98 18.51 4.99
C GLN B 146 16.47 18.31 5.21
N ILE B 147 16.07 17.08 5.53
CA ILE B 147 14.69 16.71 5.94
C ILE B 147 14.25 17.43 7.23
N ALA B 148 15.09 17.40 8.27
CA ALA B 148 14.89 18.13 9.51
C ALA B 148 14.80 19.64 9.24
N ASP B 149 15.62 20.22 8.37
CA ASP B 149 15.53 21.65 8.03
C ASP B 149 14.19 22.09 7.42
N ILE B 150 13.65 21.26 6.52
CA ILE B 150 12.33 21.40 5.87
C ILE B 150 11.21 21.33 6.91
N LEU B 151 11.32 20.33 7.76
CA LEU B 151 10.40 20.19 8.89
C LEU B 151 10.38 21.43 9.78
N SER B 152 11.53 21.88 10.27
CA SER B 152 11.60 23.06 11.14
C SER B 152 11.08 24.37 10.53
N THR B 153 11.46 24.62 9.29
CA THR B 153 10.98 25.76 8.50
C THR B 153 9.50 25.73 8.11
N SER B 154 8.86 24.55 8.14
CA SER B 154 7.45 24.44 7.80
C SER B 154 6.57 25.20 8.79
N GLY B 155 5.37 25.59 8.38
CA GLY B 155 4.33 26.08 9.27
C GLY B 155 3.72 24.90 10.02
N THR B 156 2.77 25.17 10.94
CA THR B 156 2.13 24.16 11.81
C THR B 156 1.56 22.92 11.10
N VAL B 157 0.80 23.14 10.02
CA VAL B 157 0.26 22.05 9.20
C VAL B 157 1.33 21.41 8.31
N VAL B 158 1.52 20.10 8.44
CA VAL B 158 2.59 19.33 7.81
C VAL B 158 1.97 18.15 7.10
N THR B 159 2.06 18.21 5.77
CA THR B 159 1.51 17.16 4.93
C THR B 159 2.68 16.36 4.41
N ILE B 160 2.64 15.05 4.60
CA ILE B 160 3.72 14.21 4.14
C ILE B 160 3.13 13.11 3.30
N THR B 161 3.85 12.73 2.27
CA THR B 161 3.54 11.56 1.49
C THR B 161 4.56 10.49 1.91
N ILE B 162 4.08 9.27 1.92
CA ILE B 162 4.83 8.14 2.45
C ILE B 162 4.49 6.88 1.66
N MET B 163 5.40 5.93 1.73
CA MET B 163 5.05 4.62 1.22
C MET B 163 5.78 3.52 2.00
N PRO B 164 5.15 2.34 2.04
CA PRO B 164 5.76 1.23 2.76
C PRO B 164 7.16 0.95 2.23
N ALA B 165 8.12 0.69 3.11
CA ALA B 165 9.49 0.35 2.74
C ALA B 165 9.55 -1.16 2.54
N THR C 12 -2.48 -29.55 -6.21
CA THR C 12 -1.43 -28.54 -6.58
C THR C 12 -0.89 -27.82 -5.33
N ASN C 13 -1.67 -27.23 -4.42
CA ASN C 13 -3.12 -27.01 -4.45
C ASN C 13 -3.41 -25.53 -4.80
N GLU C 14 -2.72 -25.03 -5.80
CA GLU C 14 -2.85 -23.71 -6.39
C GLU C 14 -4.05 -23.59 -7.31
N PHE C 15 -4.72 -22.44 -7.22
CA PHE C 15 -5.83 -22.11 -8.10
C PHE C 15 -5.29 -21.16 -9.17
N TYR C 16 -5.81 -21.36 -10.38
CA TYR C 16 -5.51 -20.53 -11.55
C TYR C 16 -6.68 -19.58 -11.81
N ALA C 17 -6.50 -18.29 -11.53
CA ALA C 17 -7.49 -17.24 -11.82
C ALA C 17 -7.29 -16.67 -13.21
N GLU D 14 17.04 8.85 16.24
CA GLU D 14 18.09 9.80 15.77
C GLU D 14 17.59 11.22 15.45
N PHE D 15 16.64 11.38 14.52
CA PHE D 15 16.02 12.68 14.23
C PHE D 15 14.55 12.65 14.63
N TYR D 16 14.12 13.66 15.38
CA TYR D 16 12.75 13.79 15.89
C TYR D 16 11.94 14.84 15.13
N ALA D 17 10.84 14.39 14.52
CA ALA D 17 9.94 15.23 13.73
C ALA D 17 8.76 15.85 14.46
#